data_2I0I
#
_entry.id   2I0I
#
_cell.length_a   94.167
_cell.length_b   61.919
_cell.length_c   57.142
_cell.angle_alpha   90.00
_cell.angle_beta   123.33
_cell.angle_gamma   90.00
#
_symmetry.space_group_name_H-M   'C 1 2 1'
#
loop_
_entity.id
_entity.type
_entity.pdbx_description
1 polymer 'Disks large homolog 1'
2 polymer 'peptide E6'
3 water water
#
loop_
_entity_poly.entity_id
_entity_poly.type
_entity_poly.pdbx_seq_one_letter_code
_entity_poly.pdbx_strand_id
1 'polypeptide(L)'
;ITREPRKVVLHRGSTGLGFNIVGGEDGEGIFISFILAGGPADLSGELRKGDRIISVNSVDLRAASHEQAAAALKNAGQAV
TIVAQ
;
A,B,C
2 'polypeptide(L)' RRRETQV D,E,F
#
# COMPACT_ATOMS: atom_id res chain seq x y z
N GLU A 4 -22.98 -18.62 -15.37
CA GLU A 4 -22.08 -19.62 -14.72
C GLU A 4 -21.40 -19.02 -13.49
N PRO A 5 -21.45 -19.73 -12.35
CA PRO A 5 -20.84 -19.27 -11.09
C PRO A 5 -19.33 -19.54 -10.99
N ARG A 6 -18.67 -18.82 -10.09
CA ARG A 6 -17.24 -18.96 -9.89
C ARG A 6 -16.86 -19.42 -8.48
N LYS A 7 -15.73 -20.10 -8.37
CA LYS A 7 -15.20 -20.58 -7.10
C LYS A 7 -14.04 -19.63 -6.80
N VAL A 8 -14.32 -18.54 -6.10
CA VAL A 8 -13.29 -17.57 -5.77
C VAL A 8 -12.84 -17.74 -4.31
N VAL A 9 -11.61 -18.21 -4.13
CA VAL A 9 -11.06 -18.40 -2.80
C VAL A 9 -10.43 -17.11 -2.32
N LEU A 10 -10.77 -16.71 -1.11
CA LEU A 10 -10.22 -15.49 -0.53
C LEU A 10 -9.45 -15.80 0.76
N HIS A 11 -8.84 -14.74 1.28
CA HIS A 11 -8.06 -14.78 2.51
C HIS A 11 -8.28 -13.43 3.16
N ARG A 12 -8.74 -13.43 4.41
CA ARG A 12 -9.03 -12.17 5.05
C ARG A 12 -7.82 -11.46 5.65
N GLY A 13 -7.91 -10.14 5.64
CA GLY A 13 -6.88 -9.29 6.18
C GLY A 13 -7.53 -8.52 7.29
N SER A 14 -6.91 -7.43 7.72
CA SER A 14 -7.46 -6.62 8.80
C SER A 14 -8.72 -5.92 8.33
N THR A 15 -9.16 -6.24 7.11
CA THR A 15 -10.34 -5.64 6.49
C THR A 15 -11.39 -6.69 6.17
N GLY A 16 -11.13 -7.93 6.55
CA GLY A 16 -12.05 -9.01 6.26
C GLY A 16 -11.84 -9.45 4.83
N LEU A 17 -12.93 -9.71 4.12
CA LEU A 17 -12.88 -10.15 2.72
C LEU A 17 -12.96 -8.96 1.77
N GLY A 18 -13.38 -7.82 2.28
CA GLY A 18 -13.43 -6.62 1.48
C GLY A 18 -14.66 -6.30 0.64
N PHE A 19 -15.84 -6.69 1.11
CA PHE A 19 -17.05 -6.40 0.35
C PHE A 19 -18.30 -6.44 1.22
N ASN A 20 -19.28 -5.62 0.88
CA ASN A 20 -20.53 -5.59 1.62
C ASN A 20 -21.53 -6.54 0.99
N ILE A 21 -22.61 -6.82 1.72
CA ILE A 21 -23.65 -7.69 1.20
C ILE A 21 -25.00 -7.09 1.56
N VAL A 22 -26.00 -7.46 0.78
CA VAL A 22 -27.35 -7.01 0.99
C VAL A 22 -28.25 -8.16 0.57
N GLY A 23 -29.48 -8.15 1.05
CA GLY A 23 -30.37 -9.24 0.71
C GLY A 23 -30.63 -10.12 1.92
N GLY A 24 -30.96 -11.38 1.70
CA GLY A 24 -31.25 -12.27 2.82
C GLY A 24 -32.44 -11.71 3.57
N GLU A 25 -32.74 -10.43 3.31
CA GLU A 25 -33.83 -9.71 3.94
C GLU A 25 -35.21 -10.32 3.63
N ASP A 26 -35.23 -11.45 2.91
CA ASP A 26 -36.49 -12.10 2.59
C ASP A 26 -36.38 -13.34 1.71
N GLY A 27 -35.22 -14.01 1.76
CA GLY A 27 -35.03 -15.22 0.97
C GLY A 27 -34.67 -14.93 -0.48
N GLU A 28 -34.58 -13.65 -0.81
CA GLU A 28 -34.22 -13.20 -2.16
C GLU A 28 -32.73 -13.32 -2.43
N GLY A 29 -31.98 -13.80 -1.44
CA GLY A 29 -30.55 -13.96 -1.65
C GLY A 29 -29.63 -12.81 -1.27
N ILE A 30 -28.35 -13.16 -1.23
CA ILE A 30 -27.30 -12.22 -0.87
C ILE A 30 -26.54 -11.70 -2.11
N PHE A 31 -26.28 -10.40 -2.15
CA PHE A 31 -25.56 -9.79 -3.28
C PHE A 31 -24.43 -8.86 -2.86
N ILE A 32 -23.29 -8.94 -3.56
CA ILE A 32 -22.17 -8.06 -3.25
C ILE A 32 -22.71 -6.65 -3.39
N SER A 33 -22.59 -5.88 -2.32
CA SER A 33 -23.10 -4.52 -2.28
C SER A 33 -22.04 -3.46 -2.55
N PHE A 34 -20.78 -3.87 -2.54
CA PHE A 34 -19.68 -2.93 -2.76
C PHE A 34 -18.35 -3.61 -2.47
N ILE A 35 -17.32 -3.20 -3.22
CA ILE A 35 -15.99 -3.77 -3.10
C ILE A 35 -15.05 -2.78 -2.44
N LEU A 36 -14.21 -3.28 -1.54
CA LEU A 36 -13.27 -2.46 -0.82
C LEU A 36 -11.94 -2.39 -1.56
N ALA A 37 -11.52 -1.17 -1.87
CA ALA A 37 -10.26 -0.94 -2.56
C ALA A 37 -9.09 -1.51 -1.77
N GLY A 38 -8.39 -2.48 -2.35
CA GLY A 38 -7.25 -3.08 -1.69
C GLY A 38 -7.58 -4.41 -1.06
N GLY A 39 -8.87 -4.61 -0.74
CA GLY A 39 -9.32 -5.83 -0.11
C GLY A 39 -9.14 -7.10 -0.90
N PRO A 40 -9.34 -8.27 -0.27
CA PRO A 40 -9.20 -9.59 -0.90
C PRO A 40 -10.15 -9.73 -2.08
N ALA A 41 -11.33 -9.15 -1.95
CA ALA A 41 -12.33 -9.23 -3.01
C ALA A 41 -11.82 -8.45 -4.22
N ASP A 42 -11.54 -7.17 -3.97
CA ASP A 42 -11.04 -6.26 -4.98
C ASP A 42 -9.89 -6.90 -5.76
N LEU A 43 -8.83 -7.25 -5.03
CA LEU A 43 -7.64 -7.84 -5.62
C LEU A 43 -7.86 -9.09 -6.44
N SER A 44 -8.93 -9.83 -6.13
CA SER A 44 -9.22 -11.06 -6.87
C SER A 44 -9.82 -10.77 -8.24
N GLY A 45 -10.33 -9.56 -8.40
CA GLY A 45 -10.94 -9.16 -9.65
C GLY A 45 -11.87 -10.23 -10.19
N GLU A 46 -12.44 -11.01 -9.29
CA GLU A 46 -13.36 -12.07 -9.70
C GLU A 46 -14.72 -11.92 -9.05
N LEU A 47 -14.94 -10.78 -8.41
CA LEU A 47 -16.21 -10.50 -7.76
C LEU A 47 -16.51 -9.03 -7.91
N ARG A 48 -17.71 -8.69 -8.35
CA ARG A 48 -18.06 -7.28 -8.50
C ARG A 48 -19.40 -6.94 -7.90
N LYS A 49 -19.57 -5.65 -7.65
CA LYS A 49 -20.79 -5.14 -7.07
C LYS A 49 -21.95 -5.70 -7.90
N GLY A 50 -22.80 -6.49 -7.25
CA GLY A 50 -23.93 -7.05 -7.95
C GLY A 50 -23.94 -8.56 -7.92
N ASP A 51 -22.76 -9.16 -7.79
CA ASP A 51 -22.65 -10.62 -7.74
C ASP A 51 -23.48 -11.19 -6.58
N ARG A 52 -24.07 -12.36 -6.80
CA ARG A 52 -24.86 -13.00 -5.76
C ARG A 52 -24.03 -14.07 -5.12
N ILE A 53 -24.14 -14.19 -3.80
CA ILE A 53 -23.40 -15.20 -3.06
C ILE A 53 -24.24 -16.45 -3.00
N ILE A 54 -23.75 -17.50 -3.64
CA ILE A 54 -24.46 -18.76 -3.67
C ILE A 54 -24.10 -19.62 -2.47
N SER A 55 -22.82 -19.61 -2.10
CA SER A 55 -22.39 -20.40 -0.97
C SER A 55 -20.99 -20.03 -0.49
N VAL A 56 -20.75 -20.26 0.79
CA VAL A 56 -19.46 -20.00 1.41
C VAL A 56 -18.99 -21.37 1.87
N ASN A 57 -17.70 -21.68 1.68
CA ASN A 57 -17.17 -22.97 2.09
C ASN A 57 -18.19 -24.12 2.05
N SER A 58 -18.72 -24.40 0.86
CA SER A 58 -19.68 -25.47 0.65
C SER A 58 -21.06 -25.27 1.30
N VAL A 59 -21.20 -24.21 2.09
CA VAL A 59 -22.47 -23.93 2.75
C VAL A 59 -23.33 -23.02 1.88
N ASP A 60 -24.55 -23.49 1.55
CA ASP A 60 -25.48 -22.74 0.72
C ASP A 60 -26.04 -21.47 1.37
N LEU A 61 -26.10 -20.39 0.59
CA LEU A 61 -26.61 -19.11 1.05
C LEU A 61 -27.64 -18.48 0.08
N ARG A 62 -28.28 -19.31 -0.76
CA ARG A 62 -29.27 -18.81 -1.69
C ARG A 62 -30.50 -18.30 -0.95
N ALA A 63 -30.95 -19.09 0.01
CA ALA A 63 -32.13 -18.74 0.81
C ALA A 63 -31.75 -18.06 2.13
N ALA A 64 -30.46 -18.13 2.48
CA ALA A 64 -29.96 -17.52 3.72
C ALA A 64 -30.49 -16.10 3.97
N SER A 65 -30.62 -15.77 5.24
CA SER A 65 -31.09 -14.46 5.66
C SER A 65 -29.86 -13.59 5.75
N HIS A 66 -30.03 -12.31 6.05
CA HIS A 66 -28.88 -11.45 6.10
C HIS A 66 -27.86 -11.92 7.15
N GLU A 67 -28.22 -11.82 8.41
CA GLU A 67 -27.31 -12.23 9.48
C GLU A 67 -26.77 -13.63 9.23
N GLN A 68 -27.55 -14.45 8.53
CA GLN A 68 -27.15 -15.81 8.23
C GLN A 68 -25.95 -15.85 7.32
N ALA A 69 -25.91 -14.93 6.35
CA ALA A 69 -24.80 -14.87 5.42
C ALA A 69 -23.67 -14.14 6.13
N ALA A 70 -24.03 -13.06 6.79
CA ALA A 70 -23.08 -12.25 7.55
C ALA A 70 -22.22 -13.13 8.46
N ALA A 71 -22.87 -13.91 9.31
CA ALA A 71 -22.17 -14.78 10.24
C ALA A 71 -21.33 -15.83 9.53
N ALA A 72 -21.92 -16.51 8.54
CA ALA A 72 -21.23 -17.56 7.80
C ALA A 72 -19.92 -17.02 7.22
N LEU A 73 -20.02 -15.87 6.57
CA LEU A 73 -18.87 -15.23 5.98
C LEU A 73 -17.86 -14.88 7.05
N LYS A 74 -18.38 -14.37 8.16
CA LYS A 74 -17.58 -13.94 9.31
C LYS A 74 -16.69 -15.01 9.94
N ASN A 75 -17.19 -16.23 10.01
CA ASN A 75 -16.43 -17.32 10.61
C ASN A 75 -16.06 -18.37 9.58
N ALA A 76 -15.99 -17.93 8.32
CA ALA A 76 -15.65 -18.83 7.22
C ALA A 76 -14.23 -19.36 7.30
N GLY A 77 -13.48 -18.90 8.29
CA GLY A 77 -12.11 -19.33 8.46
C GLY A 77 -11.22 -18.27 7.89
N GLN A 78 -9.94 -18.58 7.68
CA GLN A 78 -9.01 -17.61 7.12
C GLN A 78 -8.93 -17.84 5.62
N ALA A 79 -9.35 -19.03 5.21
CA ALA A 79 -9.37 -19.42 3.81
C ALA A 79 -10.82 -19.61 3.40
N VAL A 80 -11.46 -18.51 3.03
CA VAL A 80 -12.87 -18.50 2.62
C VAL A 80 -13.10 -18.84 1.14
N THR A 81 -13.74 -19.98 0.89
CA THR A 81 -14.07 -20.41 -0.48
C THR A 81 -15.46 -19.89 -0.83
N ILE A 82 -15.52 -18.89 -1.70
CA ILE A 82 -16.79 -18.28 -2.11
C ILE A 82 -17.24 -18.72 -3.49
N VAL A 83 -18.54 -18.96 -3.62
CA VAL A 83 -19.14 -19.34 -4.88
C VAL A 83 -20.19 -18.28 -5.20
N ALA A 84 -20.00 -17.58 -6.33
CA ALA A 84 -20.92 -16.51 -6.74
C ALA A 84 -21.25 -16.59 -8.23
N ARG B 2 -32.61 -1.42 6.29
CA ARG B 2 -32.02 -1.21 4.97
C ARG B 2 -30.76 -2.07 4.85
N ARG B 3 -30.51 -2.84 5.90
CA ARG B 3 -29.36 -3.73 6.07
C ARG B 3 -28.34 -4.05 4.98
N GLU B 4 -27.09 -3.69 5.29
CA GLU B 4 -25.93 -3.92 4.44
C GLU B 4 -24.76 -4.17 5.38
N THR B 5 -24.06 -5.27 5.17
CA THR B 5 -22.96 -5.61 6.05
C THR B 5 -21.62 -5.72 5.34
N GLN B 6 -20.58 -5.28 6.03
CA GLN B 6 -19.25 -5.35 5.50
C GLN B 6 -18.65 -6.67 5.99
N VAL B 7 -18.00 -7.41 5.09
CA VAL B 7 -17.40 -8.69 5.45
C VAL B 7 -16.03 -8.88 4.76
N GLU C 4 18.74 4.20 3.69
CA GLU C 4 18.54 4.88 4.97
C GLU C 4 17.21 4.39 5.56
N PRO C 5 17.24 3.32 6.38
CA PRO C 5 16.07 2.71 7.03
C PRO C 5 15.30 3.59 8.01
N ARG C 6 13.98 3.56 7.91
CA ARG C 6 13.14 4.32 8.81
C ARG C 6 12.58 3.41 9.88
N LYS C 7 12.41 3.96 11.07
CA LYS C 7 11.87 3.19 12.19
C LYS C 7 10.55 3.85 12.55
N VAL C 8 9.47 3.28 12.01
CA VAL C 8 8.13 3.79 12.25
C VAL C 8 7.35 2.95 13.26
N VAL C 9 6.54 3.66 14.05
CA VAL C 9 5.72 3.06 15.08
C VAL C 9 4.25 3.39 14.82
N LEU C 10 3.48 2.34 14.56
CA LEU C 10 2.05 2.49 14.30
C LEU C 10 1.24 1.82 15.42
N HIS C 11 0.04 2.34 15.64
CA HIS C 11 -0.84 1.78 16.64
C HIS C 11 -2.04 1.25 15.88
N ARG C 12 -2.27 -0.05 16.00
CA ARG C 12 -3.36 -0.75 15.33
C ARG C 12 -4.67 0.04 15.29
N GLY C 13 -5.56 -0.33 14.37
CA GLY C 13 -6.84 0.36 14.23
C GLY C 13 -7.90 -0.60 13.78
N SER C 14 -9.15 -0.15 13.75
CA SER C 14 -10.24 -1.04 13.33
C SER C 14 -9.92 -1.62 11.97
N THR C 15 -9.11 -0.88 11.23
CA THR C 15 -8.65 -1.23 9.88
C THR C 15 -7.32 -2.00 9.90
N GLY C 16 -6.84 -2.30 11.11
CA GLY C 16 -5.57 -2.99 11.27
C GLY C 16 -4.45 -1.97 11.29
N LEU C 17 -3.37 -2.29 10.58
CA LEU C 17 -2.21 -1.40 10.50
C LEU C 17 -2.35 -0.36 9.40
N GLY C 18 -3.15 -0.69 8.38
CA GLY C 18 -3.40 0.25 7.31
C GLY C 18 -2.59 0.14 6.04
N PHE C 19 -2.19 -1.08 5.68
CA PHE C 19 -1.42 -1.24 4.45
C PHE C 19 -1.29 -2.70 4.05
N ASN C 20 -1.22 -2.94 2.75
CA ASN C 20 -1.09 -4.30 2.25
C ASN C 20 0.37 -4.61 1.97
N ILE C 21 0.70 -5.90 1.93
CA ILE C 21 2.06 -6.35 1.66
C ILE C 21 2.13 -7.40 0.56
N VAL C 22 3.32 -7.54 -0.01
CA VAL C 22 3.58 -8.49 -1.07
C VAL C 22 4.99 -9.02 -0.92
N GLY C 23 5.23 -10.24 -1.38
CA GLY C 23 6.54 -10.85 -1.28
C GLY C 23 6.49 -12.10 -0.42
N GLY C 24 7.65 -12.64 -0.07
CA GLY C 24 7.69 -13.83 0.76
C GLY C 24 7.35 -15.13 0.07
N GLU C 25 8.01 -15.40 -1.05
CA GLU C 25 7.79 -16.64 -1.80
C GLU C 25 9.10 -17.37 -2.06
N ASP C 26 10.20 -16.74 -1.67
CA ASP C 26 11.52 -17.32 -1.84
C ASP C 26 12.54 -16.38 -1.23
N GLY C 27 12.09 -15.57 -0.27
CA GLY C 27 12.98 -14.63 0.39
C GLY C 27 13.30 -13.45 -0.51
N GLU C 28 12.40 -13.14 -1.43
CA GLU C 28 12.60 -12.01 -2.33
C GLU C 28 12.43 -10.76 -1.47
N GLY C 29 11.68 -10.91 -0.39
CA GLY C 29 11.46 -9.79 0.50
C GLY C 29 10.00 -9.39 0.60
N ILE C 30 9.75 -8.47 1.54
CA ILE C 30 8.41 -7.96 1.81
C ILE C 30 8.33 -6.48 1.46
N PHE C 31 7.30 -6.11 0.70
CA PHE C 31 7.15 -4.72 0.27
C PHE C 31 5.73 -4.18 0.44
N ILE C 32 5.63 -2.90 0.80
CA ILE C 32 4.34 -2.26 0.97
C ILE C 32 3.70 -2.13 -0.40
N SER C 33 2.61 -2.87 -0.63
CA SER C 33 1.93 -2.82 -1.91
C SER C 33 0.75 -1.85 -1.93
N PHE C 34 0.05 -1.74 -0.82
CA PHE C 34 -1.11 -0.84 -0.74
C PHE C 34 -1.13 -0.04 0.57
N ILE C 35 -1.70 1.14 0.52
CA ILE C 35 -1.82 2.00 1.69
C ILE C 35 -3.25 2.52 1.83
N LEU C 36 -3.99 1.95 2.80
CA LEU C 36 -5.36 2.35 3.07
C LEU C 36 -5.50 3.82 3.43
N ALA C 37 -6.31 4.55 2.70
CA ALA C 37 -6.50 5.97 3.01
C ALA C 37 -7.14 6.06 4.41
N GLY C 38 -6.48 6.81 5.30
CA GLY C 38 -6.99 6.96 6.65
C GLY C 38 -6.42 5.97 7.66
N GLY C 39 -5.83 4.88 7.17
CA GLY C 39 -5.27 3.87 8.05
C GLY C 39 -4.13 4.41 8.90
N PRO C 40 -3.61 3.60 9.85
CA PRO C 40 -2.52 4.10 10.68
C PRO C 40 -1.35 4.50 9.78
N ALA C 41 -0.87 3.54 8.97
CA ALA C 41 0.24 3.73 8.05
C ALA C 41 0.12 4.99 7.20
N ASP C 42 -1.04 5.16 6.57
CA ASP C 42 -1.29 6.32 5.73
C ASP C 42 -1.05 7.60 6.50
N LEU C 43 -1.67 7.70 7.68
CA LEU C 43 -1.55 8.87 8.53
C LEU C 43 -0.15 9.14 9.08
N SER C 44 0.64 8.09 9.28
CA SER C 44 2.00 8.30 9.79
C SER C 44 2.66 9.23 8.79
N GLY C 45 2.79 8.75 7.54
CA GLY C 45 3.38 9.55 6.49
C GLY C 45 4.82 9.19 6.16
N GLU C 46 5.38 8.20 6.85
CA GLU C 46 6.76 7.79 6.61
C GLU C 46 6.79 6.45 5.92
N LEU C 47 5.60 5.96 5.59
CA LEU C 47 5.45 4.70 4.90
C LEU C 47 4.81 5.01 3.55
N ARG C 48 5.38 4.45 2.49
CA ARG C 48 4.86 4.68 1.16
C ARG C 48 4.81 3.37 0.38
N LYS C 49 4.00 3.37 -0.67
CA LYS C 49 3.83 2.21 -1.54
C LYS C 49 5.19 1.86 -2.14
N GLY C 50 5.66 0.64 -1.89
CA GLY C 50 6.94 0.25 -2.42
C GLY C 50 7.97 0.02 -1.32
N ASP C 51 7.87 0.80 -0.24
CA ASP C 51 8.79 0.67 0.88
C ASP C 51 8.87 -0.80 1.30
N ARG C 52 10.10 -1.28 1.51
CA ARG C 52 10.30 -2.65 1.93
C ARG C 52 10.26 -2.75 3.45
N ILE C 53 9.61 -3.79 3.94
CA ILE C 53 9.51 -4.03 5.36
C ILE C 53 10.67 -4.94 5.74
N ILE C 54 11.48 -4.46 6.69
CA ILE C 54 12.66 -5.16 7.17
C ILE C 54 12.35 -5.95 8.43
N SER C 55 11.70 -5.31 9.38
CA SER C 55 11.37 -5.98 10.63
C SER C 55 10.17 -5.39 11.37
N VAL C 56 9.55 -6.23 12.18
CA VAL C 56 8.41 -5.85 13.01
C VAL C 56 8.85 -6.15 14.44
N ASN C 57 8.83 -5.14 15.30
CA ASN C 57 9.23 -5.35 16.69
C ASN C 57 10.51 -6.18 16.76
N SER C 58 11.54 -5.75 16.02
CA SER C 58 12.83 -6.42 15.98
C SER C 58 12.87 -7.82 15.42
N VAL C 59 11.76 -8.27 14.83
CA VAL C 59 11.74 -9.58 14.21
C VAL C 59 12.06 -9.37 12.73
N ASP C 60 13.10 -10.05 12.28
CA ASP C 60 13.60 -9.96 10.92
C ASP C 60 12.71 -10.61 9.89
N LEU C 61 12.36 -9.84 8.86
CA LEU C 61 11.50 -10.32 7.79
C LEU C 61 12.22 -10.41 6.45
N ARG C 62 13.40 -9.79 6.34
CA ARG C 62 14.21 -9.75 5.11
C ARG C 62 14.25 -11.04 4.26
N ALA C 63 13.82 -12.16 4.82
CA ALA C 63 13.81 -13.41 4.09
C ALA C 63 12.64 -14.30 4.51
N ALA C 64 11.80 -13.78 5.40
CA ALA C 64 10.64 -14.52 5.87
C ALA C 64 9.65 -14.79 4.71
N SER C 65 8.76 -15.75 4.92
CA SER C 65 7.77 -16.08 3.90
C SER C 65 6.61 -15.09 4.02
N HIS C 66 5.77 -15.03 2.99
CA HIS C 66 4.63 -14.12 3.01
C HIS C 66 3.81 -14.36 4.27
N GLU C 67 3.49 -15.63 4.54
CA GLU C 67 2.70 -15.97 5.72
C GLU C 67 3.28 -15.46 7.03
N GLN C 68 4.58 -15.61 7.18
CA GLN C 68 5.31 -15.19 8.38
C GLN C 68 5.25 -13.69 8.55
N ALA C 69 5.24 -12.99 7.42
CA ALA C 69 5.18 -11.54 7.46
C ALA C 69 3.78 -11.11 7.92
N ALA C 70 2.77 -11.85 7.49
CA ALA C 70 1.40 -11.55 7.83
C ALA C 70 1.12 -11.77 9.31
N ALA C 71 1.28 -13.03 9.72
CA ALA C 71 1.07 -13.44 11.10
C ALA C 71 1.79 -12.48 12.06
N ALA C 72 3.10 -12.37 11.88
CA ALA C 72 3.90 -11.51 12.72
C ALA C 72 3.27 -10.13 12.84
N LEU C 73 2.89 -9.55 11.71
CA LEU C 73 2.30 -8.22 11.70
C LEU C 73 0.94 -8.13 12.40
N LYS C 74 0.17 -9.22 12.43
CA LYS C 74 -1.11 -9.17 13.12
C LYS C 74 -0.82 -9.28 14.63
N ASN C 75 0.06 -10.21 14.98
CA ASN C 75 0.41 -10.44 16.38
C ASN C 75 1.48 -9.54 16.97
N ALA C 76 1.75 -8.41 16.31
CA ALA C 76 2.77 -7.48 16.77
C ALA C 76 2.23 -6.55 17.85
N GLY C 77 1.02 -6.83 18.32
CA GLY C 77 0.44 -6.02 19.37
C GLY C 77 -0.52 -4.90 19.00
N GLN C 78 -0.40 -3.81 19.75
CA GLN C 78 -1.24 -2.64 19.57
C GLN C 78 -0.34 -1.49 19.15
N ALA C 79 0.91 -1.55 19.60
CA ALA C 79 1.91 -0.54 19.24
C ALA C 79 2.88 -1.38 18.44
N VAL C 80 3.11 -0.99 17.19
CA VAL C 80 3.99 -1.76 16.35
C VAL C 80 5.17 -0.95 15.89
N THR C 81 6.31 -1.63 15.86
CA THR C 81 7.52 -1.01 15.41
C THR C 81 7.94 -1.70 14.14
N ILE C 82 7.71 -1.03 13.03
CA ILE C 82 8.13 -1.58 11.75
C ILE C 82 9.34 -0.76 11.34
N VAL C 83 10.23 -1.39 10.58
CA VAL C 83 11.43 -0.73 10.08
C VAL C 83 11.53 -1.01 8.59
N ALA C 84 11.43 0.05 7.78
CA ALA C 84 11.51 -0.11 6.33
C ALA C 84 12.75 0.56 5.76
N ARG D 2 -1.26 -13.91 -7.20
CA ARG D 2 0.00 -13.23 -6.92
C ARG D 2 0.06 -12.61 -5.51
N ARG D 3 -0.26 -13.46 -4.52
CA ARG D 3 -0.28 -13.17 -3.07
C ARG D 3 -0.14 -11.77 -2.46
N GLU D 4 -1.24 -11.25 -1.94
CA GLU D 4 -1.27 -9.94 -1.30
C GLU D 4 -2.17 -10.00 -0.06
N THR D 5 -1.62 -9.56 1.08
CA THR D 5 -2.36 -9.58 2.34
C THR D 5 -2.50 -8.22 2.99
N GLN D 6 -3.67 -7.98 3.55
CA GLN D 6 -3.94 -6.71 4.21
C GLN D 6 -3.64 -6.77 5.70
N VAL D 7 -2.68 -5.95 6.15
CA VAL D 7 -2.32 -5.91 7.57
C VAL D 7 -2.64 -4.53 8.14
N GLU E 4 9.94 0.13 -8.25
CA GLU E 4 9.98 0.73 -9.58
C GLU E 4 9.30 2.11 -9.63
N PRO E 5 10.01 3.11 -10.18
CA PRO E 5 9.66 4.53 -10.35
C PRO E 5 8.33 5.06 -9.83
N ARG E 6 8.41 6.28 -9.29
CA ARG E 6 7.27 7.01 -8.77
C ARG E 6 7.44 8.47 -9.20
N LYS E 7 6.33 9.13 -9.45
CA LYS E 7 6.35 10.52 -9.86
C LYS E 7 5.72 11.34 -8.77
N VAL E 8 6.32 12.49 -8.46
CA VAL E 8 5.80 13.36 -7.41
C VAL E 8 5.62 14.75 -7.98
N VAL E 9 4.86 15.58 -7.28
CA VAL E 9 4.63 16.93 -7.74
C VAL E 9 4.84 17.94 -6.62
N LEU E 10 5.93 18.71 -6.72
CA LEU E 10 6.28 19.71 -5.72
C LEU E 10 6.05 21.07 -6.33
N HIS E 11 5.82 22.06 -5.47
CA HIS E 11 5.61 23.44 -5.88
C HIS E 11 6.60 24.20 -5.02
N ARG E 12 7.41 25.07 -5.60
CA ARG E 12 8.39 25.73 -4.76
C ARG E 12 7.96 26.90 -3.88
N GLY E 13 8.40 26.85 -2.63
CA GLY E 13 8.11 27.88 -1.66
C GLY E 13 9.38 28.64 -1.34
N SER E 14 9.38 29.46 -0.28
CA SER E 14 10.55 30.23 0.11
C SER E 14 11.84 29.43 0.17
N THR E 15 11.71 28.11 0.10
CA THR E 15 12.86 27.22 0.21
C THR E 15 13.11 26.30 -1.00
N GLY E 16 12.52 26.65 -2.15
CA GLY E 16 12.69 25.84 -3.34
C GLY E 16 11.95 24.52 -3.23
N LEU E 17 12.47 23.48 -3.88
CA LEU E 17 11.84 22.16 -3.86
C LEU E 17 11.99 21.50 -2.50
N GLY E 18 12.97 21.97 -1.74
CA GLY E 18 13.21 21.45 -0.42
C GLY E 18 14.07 20.21 -0.36
N PHE E 19 15.12 20.12 -1.18
CA PHE E 19 16.00 18.95 -1.10
C PHE E 19 17.39 19.16 -1.71
N ASN E 20 18.27 18.19 -1.48
CA ASN E 20 19.63 18.26 -2.00
C ASN E 20 19.93 17.16 -2.98
N ILE E 21 20.81 17.44 -3.94
CA ILE E 21 21.20 16.45 -4.92
C ILE E 21 22.72 16.30 -5.04
N VAL E 22 23.12 15.13 -5.52
CA VAL E 22 24.53 14.83 -5.74
C VAL E 22 24.67 13.82 -6.89
N GLY E 23 25.81 13.83 -7.55
CA GLY E 23 26.04 12.92 -8.66
C GLY E 23 26.06 13.65 -9.99
N GLY E 24 26.04 12.87 -11.08
CA GLY E 24 26.06 13.45 -12.41
C GLY E 24 27.37 13.19 -13.10
N GLU E 25 28.45 13.64 -12.44
CA GLU E 25 29.80 13.49 -12.94
C GLU E 25 30.10 12.04 -13.35
N ASP E 26 29.89 11.11 -12.44
CA ASP E 26 30.15 9.70 -12.72
C ASP E 26 29.24 9.21 -13.86
N GLY E 27 28.22 10.00 -14.18
CA GLY E 27 27.29 9.61 -15.22
C GLY E 27 26.40 8.50 -14.66
N GLU E 28 26.45 8.36 -13.34
CA GLU E 28 25.69 7.34 -12.63
C GLU E 28 24.27 7.84 -12.29
N GLY E 29 24.10 9.15 -12.21
CA GLY E 29 22.80 9.70 -11.92
C GLY E 29 22.79 10.80 -10.87
N ILE E 30 21.61 11.35 -10.64
CA ILE E 30 21.42 12.39 -9.64
C ILE E 30 20.63 11.78 -8.48
N PHE E 31 21.06 12.04 -7.25
CA PHE E 31 20.38 11.49 -6.07
C PHE E 31 20.06 12.49 -4.96
N ILE E 32 18.90 12.34 -4.33
CA ILE E 32 18.49 13.20 -3.23
C ILE E 32 19.39 12.80 -2.06
N SER E 33 20.15 13.76 -1.54
CA SER E 33 21.07 13.48 -0.45
C SER E 33 20.59 14.05 0.89
N PHE E 34 19.58 14.91 0.84
CA PHE E 34 19.08 15.54 2.04
C PHE E 34 17.72 16.16 1.77
N ILE E 35 16.81 15.97 2.72
CA ILE E 35 15.47 16.52 2.62
C ILE E 35 15.29 17.64 3.64
N LEU E 36 14.84 18.78 3.14
CA LEU E 36 14.60 19.95 3.97
C LEU E 36 13.25 19.80 4.70
N ALA E 37 13.29 19.77 6.02
CA ALA E 37 12.08 19.63 6.81
C ALA E 37 11.11 20.77 6.51
N GLY E 38 9.86 20.41 6.27
CA GLY E 38 8.84 21.41 5.98
C GLY E 38 8.86 21.83 4.52
N GLY E 39 9.79 21.24 3.76
CA GLY E 39 9.93 21.57 2.36
C GLY E 39 9.10 20.64 1.52
N PRO E 40 8.75 21.07 0.29
CA PRO E 40 7.95 20.32 -0.68
C PRO E 40 8.30 18.84 -0.69
N ALA E 41 9.55 18.53 -1.00
CA ALA E 41 10.00 17.14 -1.06
C ALA E 41 9.65 16.41 0.23
N ASP E 42 9.79 17.12 1.35
CA ASP E 42 9.48 16.53 2.66
C ASP E 42 7.98 16.26 2.79
N LEU E 43 7.17 17.30 2.59
CA LEU E 43 5.74 17.16 2.67
C LEU E 43 5.20 16.09 1.70
N SER E 44 5.87 15.87 0.57
CA SER E 44 5.40 14.88 -0.41
C SER E 44 5.29 13.47 0.17
N GLY E 45 6.28 13.07 0.96
CA GLY E 45 6.26 11.75 1.56
C GLY E 45 6.78 10.67 0.62
N GLU E 46 7.07 11.05 -0.61
CA GLU E 46 7.56 10.11 -1.60
C GLU E 46 9.07 10.20 -1.78
N LEU E 47 9.60 11.41 -1.68
CA LEU E 47 11.03 11.63 -1.86
C LEU E 47 11.88 11.47 -0.59
N ARG E 48 12.81 10.53 -0.61
CA ARG E 48 13.71 10.30 0.53
C ARG E 48 15.17 10.38 0.09
N LYS E 49 16.08 10.47 1.05
CA LYS E 49 17.51 10.52 0.78
C LYS E 49 17.98 9.23 0.11
N GLY E 50 18.64 9.35 -1.04
CA GLY E 50 19.12 8.19 -1.73
C GLY E 50 18.28 7.84 -2.95
N ASP E 51 17.29 8.66 -3.23
CA ASP E 51 16.42 8.44 -4.38
C ASP E 51 17.07 9.03 -5.63
N ARG E 52 17.13 8.26 -6.71
CA ARG E 52 17.73 8.73 -7.95
C ARG E 52 16.73 9.44 -8.85
N ILE E 53 16.89 10.75 -8.98
CA ILE E 53 16.03 11.58 -9.79
C ILE E 53 16.12 11.26 -11.28
N ILE E 54 15.15 10.49 -11.77
CA ILE E 54 15.09 10.08 -13.17
C ILE E 54 14.73 11.20 -14.13
N SER E 55 13.77 12.04 -13.75
CA SER E 55 13.39 13.13 -14.63
C SER E 55 12.72 14.28 -13.91
N VAL E 56 12.64 15.41 -14.61
CA VAL E 56 12.00 16.62 -14.11
C VAL E 56 11.17 17.12 -15.28
N ASN E 57 9.94 17.54 -14.99
CA ASN E 57 9.03 18.06 -16.03
C ASN E 57 9.37 17.60 -17.44
N SER E 58 9.37 16.28 -17.65
CA SER E 58 9.65 15.68 -18.94
C SER E 58 11.05 15.99 -19.50
N VAL E 59 12.07 15.53 -18.78
CA VAL E 59 13.46 15.73 -19.18
C VAL E 59 14.29 14.72 -18.40
N ASP E 60 14.94 13.80 -19.10
CA ASP E 60 15.75 12.79 -18.42
C ASP E 60 16.86 13.49 -17.66
N LEU E 61 17.56 12.72 -16.84
CA LEU E 61 18.67 13.22 -16.04
C LEU E 61 19.50 12.02 -15.70
N ARG E 62 19.18 10.89 -16.33
CA ARG E 62 19.88 9.64 -16.08
C ARG E 62 21.40 9.80 -16.21
N ALA E 63 21.83 10.37 -17.33
CA ALA E 63 23.25 10.56 -17.55
C ALA E 63 23.68 12.02 -17.37
N ALA E 64 22.72 12.87 -17.00
CA ALA E 64 23.01 14.29 -16.81
C ALA E 64 24.10 14.51 -15.75
N SER E 65 24.89 15.55 -15.94
CA SER E 65 25.96 15.89 -15.02
C SER E 65 25.32 16.67 -13.89
N HIS E 66 26.11 16.99 -12.87
CA HIS E 66 25.56 17.73 -11.74
C HIS E 66 25.04 19.10 -12.14
N GLU E 67 25.90 19.90 -12.75
CA GLU E 67 25.51 21.24 -13.15
C GLU E 67 24.24 21.26 -14.02
N GLN E 68 24.10 20.22 -14.84
CA GLN E 68 22.95 20.10 -15.72
C GLN E 68 21.68 19.92 -14.90
N ALA E 69 21.76 19.00 -13.94
CA ALA E 69 20.63 18.72 -13.06
C ALA E 69 20.21 19.97 -12.27
N ALA E 70 21.11 20.48 -11.44
CA ALA E 70 20.80 21.67 -10.64
C ALA E 70 20.09 22.73 -11.46
N ALA E 71 20.42 22.77 -12.76
CA ALA E 71 19.86 23.72 -13.70
C ALA E 71 18.40 23.44 -13.99
N ALA E 72 18.09 22.18 -14.34
CA ALA E 72 16.72 21.78 -14.62
C ALA E 72 15.88 22.14 -13.42
N LEU E 73 16.14 21.46 -12.31
CA LEU E 73 15.44 21.70 -11.05
C LEU E 73 15.24 23.20 -10.84
N LYS E 74 16.33 23.96 -10.84
CA LYS E 74 16.27 25.40 -10.64
C LYS E 74 15.39 26.15 -11.64
N ASN E 75 15.29 25.63 -12.85
CA ASN E 75 14.47 26.28 -13.87
C ASN E 75 13.23 25.50 -14.27
N ALA E 76 12.72 24.66 -13.36
CA ALA E 76 11.54 23.86 -13.67
C ALA E 76 10.23 24.58 -13.42
N GLY E 77 10.33 25.86 -13.08
CA GLY E 77 9.13 26.66 -12.84
C GLY E 77 8.52 26.41 -11.47
N GLN E 78 7.33 26.97 -11.25
CA GLN E 78 6.65 26.83 -9.96
C GLN E 78 6.16 25.41 -9.70
N ALA E 79 5.41 24.84 -10.63
CA ALA E 79 4.92 23.48 -10.46
C ALA E 79 5.92 22.51 -11.10
N VAL E 80 6.68 21.82 -10.26
CA VAL E 80 7.66 20.87 -10.76
C VAL E 80 7.24 19.43 -10.53
N THR E 81 7.51 18.60 -11.53
CA THR E 81 7.18 17.19 -11.49
C THR E 81 8.49 16.41 -11.48
N ILE E 82 8.59 15.42 -10.61
CA ILE E 82 9.79 14.62 -10.51
C ILE E 82 9.49 13.12 -10.55
N VAL E 83 10.45 12.38 -11.09
CA VAL E 83 10.37 10.94 -11.16
C VAL E 83 11.69 10.49 -10.59
N ALA E 84 11.67 9.42 -9.80
CA ALA E 84 12.88 8.89 -9.16
C ALA E 84 12.71 7.44 -8.70
N ARG F 2 32.10 16.08 -2.75
CA ARG F 2 31.06 16.03 -3.77
C ARG F 2 30.30 17.36 -3.88
N ARG F 3 30.04 17.79 -5.11
CA ARG F 3 29.29 19.00 -5.35
C ARG F 3 27.87 18.76 -4.87
N GLU F 4 27.52 19.24 -3.69
CA GLU F 4 26.15 19.02 -3.26
C GLU F 4 25.38 20.30 -3.41
N THR F 5 24.33 20.26 -4.23
CA THR F 5 23.52 21.45 -4.45
C THR F 5 22.18 21.34 -3.72
N GLN F 6 21.63 22.48 -3.33
CA GLN F 6 20.36 22.51 -2.64
C GLN F 6 19.34 23.23 -3.50
N VAL F 7 18.45 22.44 -4.09
CA VAL F 7 17.37 22.95 -4.94
C VAL F 7 16.05 22.74 -4.20
#